data_6PPZ
#
_entry.id   6PPZ
#
_cell.length_a   57.990
_cell.length_b   75.860
_cell.length_c   77.660
_cell.angle_alpha   90.000
_cell.angle_beta   90.000
_cell.angle_gamma   90.000
#
_symmetry.space_group_name_H-M   'P 21 21 2'
#
loop_
_entity.id
_entity.type
_entity.pdbx_description
1 polymer 'N-acetylneuraminate synthase'
2 non-polymer 2-(ACETYLAMINO)-2-DEOXY-D-MANNOSE
3 non-polymer 'MANGANESE (II) ION'
4 non-polymer 'PHOSPHATE ION'
5 water water
#
_entity_poly.entity_id   1
_entity_poly.type   'polypeptide(L)'
_entity_poly.pdbx_seq_one_letter_code
;MQNNNEFKIGNRSVGYNHEPLIICEIGINHEGSLKTAFEMVDAAYNAGAEVVKHQTHIVEDEMSDEAKQVIPGNADVSIY
EIMERCALNEEDEIKLKEYVESKGMIFISTPFSRAAALRLQRMDIPAYKIGSGECNNYPLIKLVASFGKPIILSTGMNSI
ESIKKSVEIIREAGVPYALLHCTNIYPTPYEDVRLGGMNDLSEAFPDAIIGLSDHTLDNYACLGAVALGGSILERHFTDR
MDRPGPDIVCSMNPDTFKELKQGAHALKLARGGKKDTIIAGEKPTKDFAFASVVADKDIKKGELLSGDNLWVKRPGNGDF
SVNEYETLFGKVAACNIRKGAQIKKTDIE
;
_entity_poly.pdbx_strand_id   A
#
# COMPACT_ATOMS: atom_id res chain seq x y z
N GLN A 2 -2.14 -7.48 -10.67
CA GLN A 2 -0.88 -6.75 -10.70
C GLN A 2 0.35 -7.67 -10.61
N ASN A 3 0.40 -8.50 -9.57
CA ASN A 3 1.47 -9.49 -9.42
C ASN A 3 1.14 -10.41 -8.26
N ASN A 4 1.98 -11.46 -8.11
CA ASN A 4 1.73 -12.55 -7.17
C ASN A 4 2.92 -12.83 -6.25
N ASN A 5 3.85 -11.88 -6.11
CA ASN A 5 5.01 -12.10 -5.25
C ASN A 5 4.61 -12.11 -3.77
N GLU A 6 5.27 -12.96 -3.00
CA GLU A 6 5.01 -13.01 -1.57
C GLU A 6 6.24 -13.53 -0.85
N PHE A 7 6.38 -13.14 0.41
CA PHE A 7 7.30 -13.78 1.33
C PHE A 7 6.73 -13.55 2.73
N LYS A 8 7.31 -14.25 3.69
CA LYS A 8 6.85 -14.16 5.08
C LYS A 8 7.79 -13.34 5.93
N ILE A 9 7.23 -12.56 6.85
CA ILE A 9 7.96 -11.97 7.96
C ILE A 9 7.47 -12.73 9.20
N GLY A 10 8.29 -13.67 9.67
CA GLY A 10 7.83 -14.66 10.62
C GLY A 10 6.64 -15.44 10.09
N ASN A 11 5.47 -15.21 10.68
CA ASN A 11 4.24 -15.90 10.30
C ASN A 11 3.33 -15.07 9.42
N ARG A 12 3.73 -13.84 9.08
CA ARG A 12 2.86 -12.95 8.35
C ARG A 12 3.23 -12.98 6.87
N SER A 13 2.29 -13.44 6.04
CA SER A 13 2.49 -13.41 4.60
C SER A 13 2.32 -11.99 4.09
N VAL A 14 3.19 -11.59 3.17
CA VAL A 14 3.24 -10.21 2.70
C VAL A 14 3.22 -10.24 1.17
N GLY A 15 2.40 -9.39 0.57
CA GLY A 15 2.30 -9.37 -0.88
C GLY A 15 0.94 -8.89 -1.35
N TYR A 16 0.84 -8.77 -2.68
CA TYR A 16 -0.32 -8.15 -3.32
C TYR A 16 -1.61 -8.89 -2.99
N ASN A 17 -1.56 -10.21 -2.90
CA ASN A 17 -2.74 -11.01 -2.62
C ASN A 17 -2.96 -11.24 -1.13
N HIS A 18 -2.43 -10.37 -0.29
CA HIS A 18 -2.50 -10.53 1.15
C HIS A 18 -3.02 -9.24 1.77
N GLU A 19 -3.26 -9.27 3.06
CA GLU A 19 -3.66 -8.04 3.72
C GLU A 19 -2.46 -7.09 3.77
N PRO A 20 -2.63 -5.84 3.34
CA PRO A 20 -1.51 -4.90 3.43
C PRO A 20 -1.03 -4.75 4.87
N LEU A 21 0.28 -4.68 5.03
CA LEU A 21 0.93 -4.67 6.33
C LEU A 21 1.34 -3.25 6.70
N ILE A 22 0.98 -2.82 7.90
CA ILE A 22 1.32 -1.50 8.39
C ILE A 22 2.45 -1.64 9.38
N ILE A 23 3.56 -0.96 9.11
CA ILE A 23 4.68 -0.95 10.02
C ILE A 23 4.59 0.30 10.87
N CYS A 24 4.48 0.10 12.17
CA CYS A 24 4.50 1.19 13.13
C CYS A 24 5.93 1.40 13.54
N GLU A 25 6.62 2.36 12.93
CA GLU A 25 8.00 2.63 13.34
C GLU A 25 7.97 3.64 14.46
N ILE A 26 8.30 3.18 15.68
CA ILE A 26 8.50 4.15 16.75
C ILE A 26 9.85 4.85 16.59
N GLY A 27 10.83 4.19 15.98
CA GLY A 27 12.06 4.88 15.57
C GLY A 27 12.85 5.48 16.74
N ILE A 28 13.02 6.79 16.73
CA ILE A 28 13.63 7.50 17.85
C ILE A 28 12.58 8.34 18.59
N ASN A 29 11.30 7.99 18.45
CA ASN A 29 10.25 8.71 19.15
C ASN A 29 10.28 8.50 20.64
N HIS A 30 10.88 7.40 21.11
CA HIS A 30 11.00 7.16 22.54
C HIS A 30 12.01 8.09 23.21
N GLU A 31 12.74 8.89 22.42
CA GLU A 31 13.68 9.90 22.93
C GLU A 31 14.72 9.26 23.85
N GLY A 32 15.04 8.00 23.57
CA GLY A 32 16.03 7.26 24.31
C GLY A 32 15.54 6.64 25.59
N SER A 33 14.27 6.85 25.94
CA SER A 33 13.67 6.30 27.15
C SER A 33 13.03 4.95 26.85
N LEU A 34 13.50 3.91 27.54
CA LEU A 34 12.87 2.61 27.42
C LEU A 34 11.44 2.64 27.94
N LYS A 35 11.19 3.43 28.99
CA LYS A 35 9.86 3.50 29.55
C LYS A 35 8.89 4.13 28.56
N THR A 36 9.35 5.14 27.81
CA THR A 36 8.49 5.74 26.78
C THR A 36 8.30 4.77 25.61
N ALA A 37 9.36 4.05 25.23
CA ALA A 37 9.23 3.05 24.17
C ALA A 37 8.17 2.00 24.51
N PHE A 38 8.07 1.62 25.79
CA PHE A 38 7.06 0.65 26.19
C PHE A 38 5.67 1.24 26.13
N GLU A 39 5.51 2.50 26.51
CA GLU A 39 4.22 3.16 26.36
C GLU A 39 3.81 3.26 24.89
N MET A 40 4.78 3.48 24.00
CA MET A 40 4.47 3.50 22.58
C MET A 40 4.15 2.10 22.06
N VAL A 41 4.90 1.08 22.49
CA VAL A 41 4.58 -0.30 22.09
C VAL A 41 3.17 -0.66 22.58
N ASP A 42 2.81 -0.23 23.79
CA ASP A 42 1.47 -0.47 24.32
C ASP A 42 0.40 0.17 23.45
N ALA A 43 0.52 1.46 23.16
CA ALA A 43 -0.45 2.11 22.30
C ALA A 43 -0.61 1.40 20.97
N ALA A 44 0.47 0.82 20.44
CA ALA A 44 0.41 0.14 19.15
C ALA A 44 -0.32 -1.19 19.29
N TYR A 45 0.03 -1.98 20.31
CA TYR A 45 -0.73 -3.19 20.61
C TYR A 45 -2.21 -2.89 20.72
N ASN A 46 -2.55 -1.94 21.59
CA ASN A 46 -3.95 -1.62 21.86
C ASN A 46 -4.68 -1.13 20.63
N ALA A 47 -3.97 -0.56 19.65
CA ALA A 47 -4.61 -0.10 18.42
C ALA A 47 -4.75 -1.18 17.37
N GLY A 48 -4.20 -2.37 17.57
CA GLY A 48 -4.28 -3.42 16.58
C GLY A 48 -3.07 -3.56 15.69
N ALA A 49 -1.93 -2.99 16.08
CA ALA A 49 -0.76 -3.11 15.23
C ALA A 49 -0.29 -4.56 15.20
N GLU A 50 0.34 -4.93 14.07
CA GLU A 50 1.02 -6.21 13.93
C GLU A 50 2.54 -6.11 14.05
N VAL A 51 3.15 -4.98 13.69
CA VAL A 51 4.61 -4.88 13.63
C VAL A 51 5.08 -3.55 14.22
N VAL A 52 5.98 -3.61 15.20
CA VAL A 52 6.69 -2.41 15.67
C VAL A 52 8.10 -2.43 15.09
N LYS A 53 8.49 -1.31 14.47
CA LYS A 53 9.84 -1.17 13.98
C LYS A 53 10.61 -0.18 14.83
N HIS A 54 11.86 -0.51 15.08
CA HIS A 54 12.81 0.32 15.80
C HIS A 54 13.87 0.85 14.84
N GLN A 55 14.69 1.76 15.35
CA GLN A 55 15.96 2.12 14.72
C GLN A 55 17.09 1.75 15.66
N THR A 56 18.11 1.10 15.13
CA THR A 56 19.21 0.56 15.92
C THR A 56 20.41 1.49 15.73
N HIS A 57 20.57 2.44 16.65
CA HIS A 57 21.59 3.47 16.52
C HIS A 57 22.79 3.20 17.43
N ILE A 58 23.96 3.22 16.84
CA ILE A 58 25.23 3.06 17.55
C ILE A 58 26.12 4.18 17.03
N VAL A 59 26.20 5.28 17.80
CA VAL A 59 26.60 6.56 17.21
C VAL A 59 28.02 6.51 16.66
N GLU A 60 28.92 5.75 17.30
CA GLU A 60 30.33 5.75 16.89
C GLU A 60 30.54 4.96 15.59
N ASP A 61 29.79 3.87 15.39
CA ASP A 61 29.98 3.08 14.18
C ASP A 61 29.23 3.67 12.99
N GLU A 62 28.16 4.43 13.22
CA GLU A 62 27.34 4.88 12.10
C GLU A 62 27.73 6.26 11.59
N MET A 63 28.39 7.07 12.39
CA MET A 63 28.89 8.33 11.83
C MET A 63 30.29 8.64 12.35
N SER A 64 31.05 9.32 11.50
CA SER A 64 32.38 9.81 11.83
C SER A 64 32.25 11.12 12.61
N ASP A 65 33.37 11.78 12.88
CA ASP A 65 33.34 13.02 13.64
C ASP A 65 32.60 14.13 12.91
N GLU A 66 32.51 14.03 11.58
CA GLU A 66 31.91 15.10 10.78
C GLU A 66 30.41 15.25 11.02
N ALA A 67 29.75 14.19 11.48
CA ALA A 67 28.31 14.27 11.70
C ALA A 67 27.94 15.19 12.85
N LYS A 68 28.91 15.55 13.71
CA LYS A 68 28.65 16.51 14.79
C LYS A 68 28.59 17.95 14.29
N GLN A 69 28.74 18.16 12.98
CA GLN A 69 28.65 19.49 12.38
C GLN A 69 27.55 19.61 11.34
N VAL A 70 26.76 18.58 11.07
CA VAL A 70 25.69 18.64 10.07
C VAL A 70 24.35 18.50 10.77
N ILE A 71 23.42 19.39 10.47
CA ILE A 71 22.11 19.46 11.10
C ILE A 71 21.09 18.86 10.15
N PRO A 72 20.23 17.93 10.59
CA PRO A 72 19.17 17.43 9.70
C PRO A 72 18.07 18.47 9.52
N GLY A 73 17.28 18.28 8.47
CA GLY A 73 16.34 19.32 8.05
C GLY A 73 15.19 19.55 9.01
N ASN A 74 14.82 18.53 9.80
CA ASN A 74 13.71 18.61 10.75
C ASN A 74 14.18 18.84 12.18
N ALA A 75 15.41 19.29 12.38
CA ALA A 75 15.90 19.60 13.71
C ALA A 75 16.86 20.78 13.62
N ASP A 76 17.45 21.14 14.77
CA ASP A 76 18.28 22.34 14.85
C ASP A 76 19.59 22.10 15.60
N VAL A 77 19.94 20.85 15.86
CA VAL A 77 21.22 20.45 16.42
C VAL A 77 21.83 19.40 15.50
N SER A 78 23.04 18.95 15.82
CA SER A 78 23.72 17.98 14.96
C SER A 78 23.02 16.62 14.97
N ILE A 79 23.15 15.89 13.86
CA ILE A 79 22.62 14.53 13.82
C ILE A 79 23.31 13.66 14.87
N TYR A 80 24.57 13.98 15.20
CA TYR A 80 25.29 13.26 16.24
C TYR A 80 24.61 13.45 17.59
N GLU A 81 24.30 14.70 17.93
CA GLU A 81 23.61 15.01 19.17
C GLU A 81 22.25 14.31 19.25
N ILE A 82 21.49 14.27 18.15
CA ILE A 82 20.16 13.65 18.17
C ILE A 82 20.28 12.16 18.48
N MET A 83 21.26 11.48 17.89
CA MET A 83 21.39 10.05 18.12
C MET A 83 21.99 9.73 19.48
N GLU A 84 22.90 10.56 20.00
CA GLU A 84 23.38 10.31 21.36
C GLU A 84 22.26 10.47 22.38
N ARG A 85 21.25 11.30 22.08
CA ARG A 85 20.15 11.54 23.00
C ARG A 85 19.07 10.46 22.93
N CYS A 86 18.86 9.85 21.76
CA CYS A 86 17.76 8.91 21.56
C CYS A 86 18.19 7.45 21.47
N ALA A 87 19.49 7.16 21.42
CA ALA A 87 19.94 5.80 21.16
C ALA A 87 19.71 4.90 22.37
N LEU A 88 19.11 3.74 22.12
CA LEU A 88 19.05 2.70 23.13
C LEU A 88 20.26 1.79 23.00
N ASN A 89 20.83 1.44 24.15
CA ASN A 89 21.93 0.49 24.18
C ASN A 89 21.41 -0.93 23.93
N GLU A 90 22.34 -1.88 23.84
CA GLU A 90 21.98 -3.24 23.49
C GLU A 90 21.12 -3.89 24.56
N GLU A 91 21.42 -3.63 25.84
CA GLU A 91 20.61 -4.23 26.89
C GLU A 91 19.15 -3.79 26.78
N ASP A 92 18.91 -2.50 26.48
CA ASP A 92 17.54 -2.02 26.42
C ASP A 92 16.86 -2.34 25.10
N GLU A 93 17.60 -2.36 23.99
CA GLU A 93 16.98 -2.72 22.72
C GLU A 93 16.52 -4.17 22.75
N ILE A 94 17.29 -5.03 23.42
CA ILE A 94 16.86 -6.41 23.61
C ILE A 94 15.56 -6.45 24.42
N LYS A 95 15.46 -5.63 25.46
CA LYS A 95 14.23 -5.57 26.26
C LYS A 95 13.06 -5.05 25.42
N LEU A 96 13.32 -4.12 24.51
CA LEU A 96 12.28 -3.65 23.61
C LEU A 96 11.74 -4.80 22.76
N LYS A 97 12.63 -5.56 22.13
CA LYS A 97 12.20 -6.68 21.31
C LYS A 97 11.41 -7.70 22.13
N GLU A 98 11.91 -8.04 23.33
CA GLU A 98 11.16 -8.95 24.18
C GLU A 98 9.76 -8.41 24.44
N TYR A 99 9.69 -7.14 24.87
CA TYR A 99 8.41 -6.54 25.17
C TYR A 99 7.47 -6.60 23.97
N VAL A 100 7.97 -6.23 22.78
CA VAL A 100 7.13 -6.16 21.59
C VAL A 100 6.55 -7.53 21.29
N GLU A 101 7.34 -8.58 21.42
CA GLU A 101 6.86 -9.93 21.18
C GLU A 101 5.99 -10.44 22.33
N SER A 102 6.23 -9.99 23.57
CA SER A 102 5.33 -10.31 24.67
C SER A 102 3.94 -9.69 24.47
N LYS A 103 3.80 -8.74 23.55
CA LYS A 103 2.51 -8.18 23.21
C LYS A 103 1.97 -8.75 21.90
N GLY A 104 2.52 -9.87 21.45
CA GLY A 104 2.01 -10.59 20.30
C GLY A 104 2.47 -10.06 18.96
N MET A 105 3.46 -9.19 18.92
CA MET A 105 3.76 -8.44 17.71
C MET A 105 5.14 -8.80 17.17
N ILE A 106 5.39 -8.40 15.95
CA ILE A 106 6.64 -8.70 15.27
C ILE A 106 7.56 -7.51 15.43
N PHE A 107 8.80 -7.77 15.86
CA PHE A 107 9.80 -6.74 16.03
C PHE A 107 10.79 -6.81 14.86
N ILE A 108 10.94 -5.69 14.16
CA ILE A 108 12.00 -5.52 13.17
C ILE A 108 12.64 -4.17 13.42
N SER A 109 13.83 -3.98 12.88
CA SER A 109 14.54 -2.74 13.11
C SER A 109 15.35 -2.36 11.87
N THR A 110 15.83 -1.12 11.87
CA THR A 110 16.65 -0.60 10.81
C THR A 110 18.06 -0.43 11.32
N PRO A 111 19.05 -1.12 10.77
CA PRO A 111 20.43 -0.89 11.18
C PRO A 111 21.00 0.29 10.42
N PHE A 112 21.80 1.09 11.11
CA PHE A 112 22.46 2.21 10.48
C PHE A 112 23.96 2.01 10.40
N SER A 113 24.45 0.89 10.94
CA SER A 113 25.89 0.64 10.93
C SER A 113 26.11 -0.85 10.84
N ARG A 114 27.36 -1.22 10.60
CA ARG A 114 27.75 -2.62 10.61
C ARG A 114 27.54 -3.24 11.98
N ALA A 115 27.88 -2.49 13.03
CA ALA A 115 27.68 -2.96 14.39
C ALA A 115 26.20 -3.12 14.70
N ALA A 116 25.39 -2.16 14.27
CA ALA A 116 23.95 -2.28 14.44
C ALA A 116 23.40 -3.48 13.68
N ALA A 117 23.85 -3.71 12.45
CA ALA A 117 23.40 -4.87 11.69
C ALA A 117 23.79 -6.17 12.39
N LEU A 118 24.97 -6.22 12.98
CA LEU A 118 25.42 -7.43 13.65
C LEU A 118 24.71 -7.63 14.97
N ARG A 119 24.29 -6.55 15.64
CA ARG A 119 23.50 -6.68 16.86
C ARG A 119 22.14 -7.31 16.59
N LEU A 120 21.48 -6.90 15.49
CA LEU A 120 20.16 -7.43 15.20
C LEU A 120 20.21 -8.91 14.82
N GLN A 121 21.30 -9.36 14.18
CA GLN A 121 21.39 -10.79 13.87
C GLN A 121 21.57 -11.62 15.13
N ARG A 122 22.27 -11.10 16.13
CA ARG A 122 22.34 -11.79 17.43
C ARG A 122 20.96 -11.85 18.08
N MET A 123 20.16 -10.79 17.93
CA MET A 123 18.79 -10.85 18.39
C MET A 123 17.92 -11.73 17.48
N ASP A 124 18.39 -12.03 16.27
CA ASP A 124 17.68 -12.93 15.35
C ASP A 124 16.30 -12.39 15.00
N ILE A 125 16.28 -11.16 14.52
CA ILE A 125 15.03 -10.52 14.06
C ILE A 125 14.55 -11.23 12.80
N PRO A 126 13.23 -11.21 12.51
CA PRO A 126 12.71 -11.98 11.37
C PRO A 126 12.98 -11.37 10.02
N ALA A 127 13.12 -10.04 9.94
CA ALA A 127 13.39 -9.39 8.68
C ALA A 127 14.09 -8.08 8.98
N TYR A 128 14.63 -7.45 7.94
CA TYR A 128 15.46 -6.26 8.10
C TYR A 128 14.92 -5.13 7.25
N LYS A 129 14.82 -3.94 7.83
CA LYS A 129 14.51 -2.73 7.09
C LYS A 129 15.78 -1.96 6.82
N ILE A 130 15.97 -1.56 5.57
CA ILE A 130 17.05 -0.66 5.20
C ILE A 130 16.42 0.69 4.88
N GLY A 131 16.84 1.74 5.59
CA GLY A 131 16.30 3.06 5.37
C GLY A 131 16.86 3.73 4.12
N SER A 132 16.22 4.84 3.75
CA SER A 132 16.53 5.47 2.48
C SER A 132 17.95 5.99 2.44
N GLY A 133 18.50 6.43 3.57
CA GLY A 133 19.88 6.89 3.59
C GLY A 133 20.85 5.80 3.18
N GLU A 134 20.59 4.57 3.59
CA GLU A 134 21.48 3.44 3.40
C GLU A 134 21.07 2.59 2.20
N CYS A 135 20.24 3.12 1.33
CA CYS A 135 19.82 2.36 0.16
C CYS A 135 20.94 2.27 -0.88
N ASN A 136 21.87 3.23 -0.87
CA ASN A 136 23.07 3.21 -1.68
C ASN A 136 24.29 2.75 -0.89
N ASN A 137 24.09 2.19 0.31
CA ASN A 137 25.20 1.72 1.13
C ASN A 137 25.41 0.24 0.85
N TYR A 138 25.96 -0.02 -0.33
CA TYR A 138 26.12 -1.39 -0.80
C TYR A 138 26.94 -2.25 0.16
N PRO A 139 28.04 -1.77 0.77
CA PRO A 139 28.72 -2.62 1.76
C PRO A 139 27.84 -3.01 2.94
N LEU A 140 26.94 -2.12 3.38
CA LEU A 140 26.02 -2.49 4.45
C LEU A 140 24.93 -3.42 3.96
N ILE A 141 24.41 -3.17 2.75
CA ILE A 141 23.40 -4.06 2.17
C ILE A 141 23.99 -5.45 1.98
N LYS A 142 25.26 -5.52 1.59
CA LYS A 142 25.91 -6.81 1.43
C LYS A 142 25.92 -7.57 2.75
N LEU A 143 26.22 -6.87 3.84
CA LEU A 143 26.29 -7.52 5.15
C LEU A 143 24.91 -8.03 5.60
N VAL A 144 23.89 -7.18 5.50
CA VAL A 144 22.56 -7.57 5.97
C VAL A 144 22.00 -8.73 5.15
N ALA A 145 22.19 -8.68 3.82
CA ALA A 145 21.68 -9.73 2.95
C ALA A 145 22.30 -11.09 3.28
N SER A 146 23.56 -11.09 3.73
CA SER A 146 24.26 -12.31 4.15
C SER A 146 23.65 -12.96 5.38
N PHE A 147 22.77 -12.27 6.11
CA PHE A 147 22.14 -12.86 7.28
C PHE A 147 21.03 -13.84 6.91
N GLY A 148 20.57 -13.84 5.66
CA GLY A 148 19.52 -14.74 5.23
C GLY A 148 18.12 -14.42 5.72
N LYS A 149 17.80 -13.17 6.01
CA LYS A 149 16.43 -12.83 6.28
C LYS A 149 15.89 -11.96 5.15
N PRO A 150 14.57 -11.85 5.01
CA PRO A 150 14.02 -10.93 4.01
C PRO A 150 14.34 -9.49 4.37
N ILE A 151 14.32 -8.65 3.34
CA ILE A 151 14.84 -7.28 3.41
C ILE A 151 13.78 -6.34 2.84
N ILE A 152 13.41 -5.33 3.61
CA ILE A 152 12.49 -4.29 3.16
C ILE A 152 13.33 -3.04 2.96
N LEU A 153 13.44 -2.61 1.72
CA LEU A 153 14.37 -1.54 1.39
C LEU A 153 13.58 -0.27 1.03
N SER A 154 13.70 0.76 1.88
CA SER A 154 13.25 2.08 1.49
C SER A 154 14.13 2.59 0.35
N THR A 155 13.54 3.38 -0.56
CA THR A 155 14.21 3.76 -1.81
C THR A 155 14.16 5.27 -2.07
N GLY A 156 13.92 6.09 -1.05
CA GLY A 156 13.96 7.53 -1.26
C GLY A 156 15.35 8.02 -1.60
N MET A 157 15.39 9.20 -2.21
CA MET A 157 16.62 9.91 -2.54
C MET A 157 17.54 9.11 -3.46
N ASN A 158 17.04 8.03 -4.06
CA ASN A 158 17.79 7.18 -4.97
C ASN A 158 17.00 6.97 -6.28
N SER A 159 17.75 6.85 -7.37
CA SER A 159 17.19 6.57 -8.68
C SER A 159 17.05 5.07 -8.88
N ILE A 160 16.27 4.68 -9.90
CA ILE A 160 16.16 3.27 -10.26
C ILE A 160 17.53 2.68 -10.52
N GLU A 161 18.35 3.39 -11.31
CA GLU A 161 19.72 2.94 -11.61
C GLU A 161 20.52 2.70 -10.34
N SER A 162 20.37 3.58 -9.35
CA SER A 162 21.07 3.39 -8.07
C SER A 162 20.53 2.19 -7.30
N ILE A 163 19.21 2.05 -7.26
CA ILE A 163 18.55 0.96 -6.52
C ILE A 163 18.92 -0.38 -7.12
N LYS A 164 19.04 -0.44 -8.45
CA LYS A 164 19.32 -1.69 -9.15
C LYS A 164 20.59 -2.36 -8.65
N LYS A 165 21.57 -1.56 -8.18
CA LYS A 165 22.79 -2.12 -7.63
C LYS A 165 22.57 -2.76 -6.26
N SER A 166 21.74 -2.12 -5.42
CA SER A 166 21.29 -2.75 -4.18
C SER A 166 20.49 -4.02 -4.46
N VAL A 167 19.62 -4.01 -5.47
CA VAL A 167 18.76 -5.16 -5.73
C VAL A 167 19.58 -6.34 -6.25
N GLU A 168 20.59 -6.08 -7.09
CA GLU A 168 21.48 -7.16 -7.52
C GLU A 168 22.13 -7.84 -6.32
N ILE A 169 22.55 -7.05 -5.31
CA ILE A 169 23.16 -7.59 -4.09
C ILE A 169 22.17 -8.47 -3.33
N ILE A 170 20.92 -8.04 -3.21
CA ILE A 170 19.93 -8.83 -2.48
C ILE A 170 19.62 -10.13 -3.23
N ARG A 171 19.33 -10.02 -4.54
CA ARG A 171 19.09 -11.23 -5.33
C ARG A 171 20.25 -12.21 -5.20
N GLU A 172 21.49 -11.70 -5.22
CA GLU A 172 22.64 -12.57 -5.12
C GLU A 172 22.61 -13.39 -3.83
N ALA A 173 22.28 -12.77 -2.70
CA ALA A 173 22.13 -13.51 -1.47
C ALA A 173 20.92 -14.43 -1.51
N GLY A 174 19.94 -14.12 -2.36
CA GLY A 174 18.78 -14.98 -2.50
C GLY A 174 17.72 -14.82 -1.44
N VAL A 175 17.65 -13.69 -0.77
CA VAL A 175 16.55 -13.42 0.17
C VAL A 175 15.44 -12.67 -0.56
N PRO A 176 14.18 -12.90 -0.23
CA PRO A 176 13.11 -12.10 -0.84
C PRO A 176 13.16 -10.67 -0.30
N TYR A 177 12.58 -9.75 -1.06
CA TYR A 177 12.71 -8.36 -0.66
C TYR A 177 11.49 -7.55 -1.08
N ALA A 178 11.28 -6.45 -0.35
CA ALA A 178 10.31 -5.42 -0.69
C ALA A 178 11.03 -4.10 -1.01
N LEU A 179 10.44 -3.35 -1.92
CA LEU A 179 10.85 -1.99 -2.24
C LEU A 179 9.76 -1.03 -1.78
N LEU A 180 10.15 -0.05 -0.95
CA LEU A 180 9.24 0.98 -0.46
C LEU A 180 9.58 2.30 -1.12
N HIS A 181 8.62 2.87 -1.85
CA HIS A 181 8.77 4.23 -2.35
C HIS A 181 8.72 5.20 -1.19
N CYS A 182 9.54 6.26 -1.26
CA CYS A 182 9.73 7.08 -0.09
C CYS A 182 10.22 8.46 -0.52
N THR A 183 9.86 9.47 0.27
CA THR A 183 10.35 10.84 0.12
C THR A 183 10.76 11.31 1.49
N ASN A 184 12.02 11.71 1.62
CA ASN A 184 12.62 11.98 2.93
C ASN A 184 12.72 13.49 3.21
N ILE A 185 11.54 14.10 3.30
CA ILE A 185 11.37 15.44 3.86
C ILE A 185 10.43 15.30 5.03
N TYR A 186 10.77 15.94 6.14
CA TYR A 186 10.04 15.74 7.39
C TYR A 186 9.42 17.07 7.78
N PRO A 187 8.11 17.29 7.52
CA PRO A 187 7.20 16.35 6.85
C PRO A 187 7.16 16.52 5.33
N THR A 188 6.43 15.66 4.64
CA THR A 188 6.43 15.67 3.18
C THR A 188 5.16 16.29 2.64
N PRO A 189 5.26 17.37 1.87
CA PRO A 189 4.07 17.87 1.15
C PRO A 189 3.48 16.81 0.22
N TYR A 190 2.15 16.90 0.04
CA TYR A 190 1.45 15.98 -0.86
C TYR A 190 2.13 15.92 -2.22
N GLU A 191 2.40 17.09 -2.79
CA GLU A 191 2.92 17.21 -4.14
C GLU A 191 4.28 16.55 -4.34
N ASP A 192 4.97 16.14 -3.28
CA ASP A 192 6.26 15.48 -3.43
C ASP A 192 6.17 13.97 -3.26
N VAL A 193 4.98 13.43 -3.02
CA VAL A 193 4.84 11.99 -2.77
C VAL A 193 5.10 11.18 -4.03
N ARG A 194 4.59 11.63 -5.18
CA ARG A 194 4.72 10.97 -6.49
C ARG A 194 4.44 9.46 -6.40
N LEU A 195 3.17 9.16 -6.12
CA LEU A 195 2.77 7.76 -5.95
C LEU A 195 3.02 6.95 -7.23
N GLY A 196 3.10 7.60 -8.38
CA GLY A 196 3.50 6.91 -9.59
C GLY A 196 4.82 6.19 -9.47
N GLY A 197 5.74 6.71 -8.65
CA GLY A 197 7.01 6.05 -8.40
C GLY A 197 6.89 4.59 -8.00
N MET A 198 5.72 4.21 -7.45
CA MET A 198 5.50 2.82 -7.10
C MET A 198 5.42 1.94 -8.33
N ASN A 199 4.59 2.34 -9.33
CA ASN A 199 4.53 1.60 -10.59
C ASN A 199 5.89 1.55 -11.25
N ASP A 200 6.63 2.67 -11.19
CA ASP A 200 7.98 2.70 -11.73
C ASP A 200 8.85 1.64 -11.08
N LEU A 201 8.74 1.50 -9.75
CA LEU A 201 9.59 0.54 -9.05
C LEU A 201 9.25 -0.90 -9.44
N SER A 202 7.96 -1.23 -9.50
CA SER A 202 7.60 -2.60 -9.85
C SER A 202 7.78 -2.87 -11.35
N GLU A 203 7.64 -1.86 -12.20
CA GLU A 203 8.00 -2.04 -13.60
C GLU A 203 9.48 -2.30 -13.77
N ALA A 204 10.31 -1.73 -12.89
CA ALA A 204 11.75 -1.92 -13.00
C ALA A 204 12.22 -3.21 -12.36
N PHE A 205 11.48 -3.74 -11.38
CA PHE A 205 11.89 -4.91 -10.60
C PHE A 205 10.67 -5.80 -10.37
N PRO A 206 10.36 -6.70 -11.31
CA PRO A 206 9.11 -7.49 -11.20
C PRO A 206 9.06 -8.49 -10.05
N ASP A 207 10.16 -8.82 -9.38
CA ASP A 207 10.13 -9.81 -8.31
C ASP A 207 9.92 -9.22 -6.91
N ALA A 208 9.67 -7.91 -6.78
CA ALA A 208 9.68 -7.21 -5.50
C ALA A 208 8.27 -6.95 -4.99
N ILE A 209 8.08 -7.16 -3.69
CA ILE A 209 6.91 -6.59 -3.00
C ILE A 209 7.05 -5.08 -3.02
N ILE A 210 5.97 -4.39 -3.34
CA ILE A 210 5.98 -2.93 -3.45
C ILE A 210 5.06 -2.35 -2.39
N GLY A 211 5.56 -1.33 -1.69
CA GLY A 211 4.77 -0.56 -0.75
C GLY A 211 5.21 0.88 -0.68
N LEU A 212 4.84 1.58 0.39
CA LEU A 212 5.23 2.97 0.59
C LEU A 212 5.70 3.22 2.02
N SER A 213 6.81 3.93 2.15
CA SER A 213 7.19 4.59 3.38
C SER A 213 6.78 6.05 3.25
N ASP A 214 6.17 6.60 4.30
CA ASP A 214 5.55 7.91 4.17
C ASP A 214 5.90 8.81 5.35
N HIS A 215 5.95 10.12 5.05
CA HIS A 215 6.28 11.16 6.02
C HIS A 215 5.45 12.40 5.78
N THR A 216 4.27 12.24 5.18
CA THR A 216 3.30 13.31 5.08
C THR A 216 2.54 13.39 6.39
N LEU A 217 1.65 14.37 6.50
CA LEU A 217 0.99 14.61 7.78
C LEU A 217 -0.20 13.69 8.06
N ASP A 218 -0.72 12.97 7.07
CA ASP A 218 -1.91 12.16 7.30
C ASP A 218 -1.82 10.86 6.51
N ASN A 219 -2.99 10.24 6.29
CA ASN A 219 -3.10 8.89 5.78
C ASN A 219 -3.34 8.85 4.29
N TYR A 220 -3.63 9.99 3.67
CA TYR A 220 -4.10 10.00 2.29
C TYR A 220 -3.13 9.30 1.35
N ALA A 221 -1.82 9.52 1.58
CA ALA A 221 -0.79 8.92 0.74
C ALA A 221 -0.77 7.41 0.90
N CYS A 222 -0.80 6.93 2.14
CA CYS A 222 -0.76 5.51 2.38
C CYS A 222 -2.00 4.82 1.82
N LEU A 223 -3.16 5.48 1.92
CA LEU A 223 -4.38 4.93 1.32
C LEU A 223 -4.25 4.87 -0.19
N GLY A 224 -3.78 5.96 -0.82
CA GLY A 224 -3.51 5.94 -2.24
C GLY A 224 -2.57 4.84 -2.65
N ALA A 225 -1.57 4.55 -1.83
CA ALA A 225 -0.64 3.48 -2.17
C ALA A 225 -1.32 2.12 -2.14
N VAL A 226 -2.27 1.90 -1.22
CA VAL A 226 -2.98 0.62 -1.22
C VAL A 226 -3.84 0.49 -2.48
N ALA A 227 -4.51 1.57 -2.86
CA ALA A 227 -5.28 1.61 -4.10
C ALA A 227 -4.43 1.23 -5.32
N LEU A 228 -3.15 1.63 -5.31
CA LEU A 228 -2.23 1.33 -6.40
C LEU A 228 -1.63 -0.07 -6.32
N GLY A 229 -1.84 -0.79 -5.23
CA GLY A 229 -1.29 -2.12 -5.07
C GLY A 229 -0.19 -2.25 -4.04
N GLY A 230 0.03 -1.25 -3.19
CA GLY A 230 1.04 -1.41 -2.16
C GLY A 230 0.65 -2.50 -1.17
N SER A 231 1.67 -3.24 -0.73
CA SER A 231 1.48 -4.31 0.23
C SER A 231 2.02 -3.97 1.62
N ILE A 232 2.89 -2.97 1.72
CA ILE A 232 3.53 -2.58 2.97
C ILE A 232 3.39 -1.07 3.07
N LEU A 233 2.86 -0.60 4.19
CA LEU A 233 2.76 0.83 4.49
C LEU A 233 3.50 1.11 5.78
N GLU A 234 4.35 2.14 5.78
CA GLU A 234 5.14 2.50 6.95
C GLU A 234 4.92 3.97 7.27
N ARG A 235 4.42 4.25 8.48
CA ARG A 235 4.47 5.59 9.03
C ARG A 235 5.15 5.52 10.39
N HIS A 236 5.70 6.65 10.81
CA HIS A 236 6.17 6.76 12.19
C HIS A 236 4.98 6.66 13.14
N PHE A 237 5.23 6.19 14.35
CA PHE A 237 4.15 5.93 15.27
C PHE A 237 4.43 6.54 16.63
N THR A 238 3.40 7.17 17.20
CA THR A 238 3.45 7.67 18.56
C THR A 238 2.15 7.34 19.27
N ASP A 239 2.24 7.27 20.60
CA ASP A 239 1.05 7.07 21.41
C ASP A 239 0.19 8.32 21.47
N ARG A 240 0.81 9.50 21.56
CA ARG A 240 0.07 10.74 21.51
C ARG A 240 0.90 11.78 20.79
N MET A 241 0.21 12.74 20.22
CA MET A 241 0.83 13.77 19.41
C MET A 241 1.51 14.85 20.24
N ASP A 242 1.29 14.91 21.55
CA ASP A 242 1.94 15.97 22.32
C ASP A 242 3.38 15.60 22.71
N ARG A 243 3.91 14.49 22.21
CA ARG A 243 5.28 14.09 22.49
C ARG A 243 6.29 15.02 21.84
N PRO A 244 7.47 15.16 22.43
CA PRO A 244 8.55 15.91 21.79
C PRO A 244 9.41 15.00 20.90
N GLY A 245 9.95 15.59 19.84
CA GLY A 245 10.81 14.85 18.94
C GLY A 245 10.67 15.24 17.47
N PRO A 246 11.76 15.06 16.72
CA PRO A 246 11.78 15.56 15.33
C PRO A 246 10.85 14.82 14.37
N ASP A 247 10.46 13.58 14.66
CA ASP A 247 9.57 12.85 13.78
C ASP A 247 8.13 12.76 14.29
N ILE A 248 7.86 13.20 15.53
CA ILE A 248 6.51 13.07 16.08
C ILE A 248 5.49 13.67 15.13
N VAL A 249 5.88 14.75 14.44
CA VAL A 249 4.93 15.56 13.69
C VAL A 249 4.22 14.74 12.61
N CYS A 250 4.98 13.94 11.87
CA CYS A 250 4.42 13.15 10.79
C CYS A 250 4.05 11.74 11.23
N SER A 251 4.03 11.47 12.53
CA SER A 251 3.64 10.16 13.04
C SER A 251 2.12 9.99 13.06
N MET A 252 1.66 8.74 13.07
CA MET A 252 0.29 8.44 13.40
C MET A 252 0.17 8.05 14.87
N ASN A 253 -0.97 8.31 15.44
CA ASN A 253 -1.34 7.93 16.79
C ASN A 253 -2.34 6.77 16.72
N PRO A 254 -2.69 6.19 17.87
CA PRO A 254 -3.59 5.01 17.84
C PRO A 254 -4.87 5.19 17.03
N ASP A 255 -5.45 6.39 17.00
CA ASP A 255 -6.69 6.57 16.28
C ASP A 255 -6.45 6.56 14.77
N THR A 256 -5.45 7.33 14.31
CA THR A 256 -5.23 7.43 12.88
C THR A 256 -4.67 6.13 12.31
N PHE A 257 -3.92 5.36 13.11
CA PHE A 257 -3.61 4.00 12.71
C PHE A 257 -4.88 3.21 12.42
N LYS A 258 -5.87 3.30 13.31
CA LYS A 258 -7.11 2.56 13.11
C LYS A 258 -7.83 2.98 11.83
N GLU A 259 -7.88 4.29 11.56
CA GLU A 259 -8.33 4.76 10.26
C GLU A 259 -7.53 4.12 9.12
N LEU A 260 -6.19 4.16 9.22
CA LEU A 260 -5.37 3.61 8.14
C LEU A 260 -5.61 2.12 7.96
N LYS A 261 -5.64 1.37 9.07
CA LYS A 261 -5.91 -0.05 8.97
C LYS A 261 -7.28 -0.29 8.34
N GLN A 262 -8.23 0.60 8.59
CA GLN A 262 -9.56 0.42 8.05
C GLN A 262 -9.59 0.71 6.55
N GLY A 263 -9.02 1.85 6.15
CA GLY A 263 -8.94 2.15 4.73
C GLY A 263 -8.13 1.11 3.98
N ALA A 264 -7.05 0.61 4.59
CA ALA A 264 -6.22 -0.36 3.90
C ALA A 264 -7.01 -1.62 3.61
N HIS A 265 -7.82 -2.06 4.58
CA HIS A 265 -8.62 -3.26 4.39
C HIS A 265 -9.65 -3.07 3.28
N ALA A 266 -10.33 -1.92 3.26
CA ALA A 266 -11.33 -1.67 2.24
C ALA A 266 -10.68 -1.63 0.86
N LEU A 267 -9.60 -0.86 0.73
CA LEU A 267 -8.96 -0.70 -0.57
C LEU A 267 -8.24 -1.96 -1.02
N LYS A 268 -7.85 -2.83 -0.08
CA LYS A 268 -7.34 -4.14 -0.47
C LYS A 268 -8.40 -4.92 -1.25
N LEU A 269 -9.66 -4.81 -0.83
CA LEU A 269 -10.74 -5.52 -1.51
C LEU A 269 -11.09 -4.87 -2.84
N ALA A 270 -11.13 -3.54 -2.87
CA ALA A 270 -11.64 -2.81 -4.03
C ALA A 270 -10.61 -2.67 -5.15
N ARG A 271 -9.32 -2.75 -4.85
CA ARG A 271 -8.32 -2.51 -5.86
C ARG A 271 -8.25 -3.67 -6.84
N GLY A 272 -7.69 -3.37 -8.02
CA GLY A 272 -7.39 -4.40 -8.99
C GLY A 272 -8.61 -4.83 -9.79
N GLY A 273 -8.62 -6.09 -10.20
CA GLY A 273 -9.70 -6.61 -11.00
C GLY A 273 -9.64 -6.15 -12.45
N LYS A 274 -10.66 -6.57 -13.22
CA LYS A 274 -10.80 -6.26 -14.64
C LYS A 274 -12.14 -5.59 -14.88
N LYS A 275 -12.18 -4.70 -15.87
CA LYS A 275 -13.45 -4.05 -16.19
C LYS A 275 -14.50 -5.06 -16.60
N ASP A 276 -14.13 -6.04 -17.42
CA ASP A 276 -15.08 -6.91 -18.11
C ASP A 276 -15.71 -7.96 -17.20
N THR A 277 -15.17 -8.18 -16.00
CA THR A 277 -15.73 -9.15 -15.06
C THR A 277 -17.24 -8.94 -14.88
N ILE A 278 -17.97 -10.04 -14.84
CA ILE A 278 -19.42 -10.03 -14.65
C ILE A 278 -19.72 -10.18 -13.17
N ILE A 279 -20.34 -9.16 -12.59
CA ILE A 279 -20.71 -9.17 -11.18
C ILE A 279 -22.14 -9.71 -11.07
N ALA A 280 -22.28 -10.88 -10.43
CA ALA A 280 -23.59 -11.51 -10.35
C ALA A 280 -24.60 -10.60 -9.66
N GLY A 281 -24.15 -9.82 -8.67
CA GLY A 281 -25.08 -9.01 -7.89
C GLY A 281 -25.76 -7.92 -8.68
N GLU A 282 -25.21 -7.58 -9.86
CA GLU A 282 -25.74 -6.56 -10.76
C GLU A 282 -26.97 -7.02 -11.54
N LYS A 283 -27.30 -8.32 -11.52
CA LYS A 283 -28.29 -8.84 -12.46
C LYS A 283 -29.68 -8.22 -12.32
N PRO A 284 -30.24 -8.04 -11.13
CA PRO A 284 -31.56 -7.38 -11.04
C PRO A 284 -31.56 -6.00 -11.62
N THR A 285 -30.43 -5.30 -11.60
CA THR A 285 -30.37 -3.97 -12.19
C THR A 285 -30.38 -4.06 -13.70
N LYS A 286 -29.58 -4.97 -14.25
CA LYS A 286 -29.63 -5.29 -15.67
C LYS A 286 -31.06 -5.59 -16.12
N ASP A 287 -31.74 -6.50 -15.43
CA ASP A 287 -33.05 -6.93 -15.89
C ASP A 287 -34.05 -5.77 -15.96
N PHE A 288 -33.98 -4.81 -15.02
CA PHE A 288 -34.97 -3.73 -15.04
C PHE A 288 -34.54 -2.50 -15.84
N ALA A 289 -33.22 -2.24 -15.96
CA ALA A 289 -32.74 -0.97 -16.50
C ALA A 289 -32.34 -1.03 -17.98
N PHE A 290 -32.01 -2.19 -18.51
CA PHE A 290 -31.73 -2.28 -19.93
C PHE A 290 -33.01 -2.06 -20.72
N ALA A 291 -32.86 -1.55 -21.93
CA ALA A 291 -34.02 -1.24 -22.76
C ALA A 291 -34.32 -2.37 -23.73
N SER A 292 -35.60 -2.46 -24.12
CA SER A 292 -36.08 -3.39 -25.13
C SER A 292 -36.84 -2.64 -26.20
N VAL A 293 -36.90 -3.23 -27.40
CA VAL A 293 -37.53 -2.57 -28.54
C VAL A 293 -39.04 -2.64 -28.39
N VAL A 294 -39.68 -1.47 -28.50
CA VAL A 294 -41.12 -1.33 -28.43
C VAL A 294 -41.61 -0.67 -29.72
N ALA A 295 -42.91 -0.83 -29.99
CA ALA A 295 -43.55 -0.09 -31.07
C ALA A 295 -43.67 1.38 -30.69
N ASP A 296 -43.32 2.28 -31.60
CA ASP A 296 -43.42 3.70 -31.31
C ASP A 296 -44.75 4.30 -31.72
N LYS A 297 -45.44 3.63 -32.62
CA LYS A 297 -46.78 4.01 -33.03
C LYS A 297 -47.53 2.73 -33.34
N ASP A 298 -48.82 2.86 -33.62
CA ASP A 298 -49.54 1.72 -34.16
C ASP A 298 -48.96 1.35 -35.52
N ILE A 299 -48.79 0.05 -35.75
CA ILE A 299 -48.23 -0.49 -36.98
C ILE A 299 -49.23 -1.49 -37.54
N LYS A 300 -49.63 -1.29 -38.79
CA LYS A 300 -50.63 -2.12 -39.46
C LYS A 300 -50.02 -3.43 -39.95
N LYS A 301 -50.83 -4.50 -39.95
CA LYS A 301 -50.38 -5.78 -40.49
C LYS A 301 -49.91 -5.61 -41.92
N GLY A 302 -48.69 -6.04 -42.20
CA GLY A 302 -48.08 -5.86 -43.50
C GLY A 302 -47.24 -4.60 -43.67
N GLU A 303 -47.25 -3.68 -42.71
CA GLU A 303 -46.39 -2.52 -42.76
C GLU A 303 -44.96 -2.90 -42.38
N LEU A 304 -44.01 -2.12 -42.87
CA LEU A 304 -42.60 -2.38 -42.59
C LEU A 304 -42.22 -1.69 -41.28
N LEU A 305 -41.48 -2.41 -40.45
CA LEU A 305 -40.91 -1.81 -39.24
C LEU A 305 -39.75 -0.90 -39.62
N SER A 306 -39.67 0.25 -38.96
CA SER A 306 -38.65 1.24 -39.31
C SER A 306 -38.21 2.00 -38.06
N GLY A 307 -37.13 2.77 -38.22
CA GLY A 307 -36.74 3.70 -37.18
C GLY A 307 -37.78 4.76 -36.85
N ASP A 308 -38.89 4.83 -37.59
CA ASP A 308 -39.96 5.79 -37.30
C ASP A 308 -41.08 5.20 -36.45
N ASN A 309 -41.25 3.89 -36.51
CA ASN A 309 -42.31 3.21 -35.77
C ASN A 309 -41.76 2.27 -34.70
N LEU A 310 -40.44 2.20 -34.54
CA LEU A 310 -39.83 1.46 -33.46
C LEU A 310 -39.10 2.43 -32.54
N TRP A 311 -38.98 2.05 -31.26
CA TRP A 311 -38.11 2.73 -30.32
C TRP A 311 -37.71 1.73 -29.23
N VAL A 312 -37.11 2.21 -28.15
CA VAL A 312 -36.62 1.34 -27.08
C VAL A 312 -37.08 1.87 -25.73
N LYS A 313 -37.41 0.95 -24.82
CA LYS A 313 -37.95 1.30 -23.51
C LYS A 313 -37.58 0.21 -22.50
N ARG A 314 -37.42 0.62 -21.24
CA ARG A 314 -37.30 -0.34 -20.15
C ARG A 314 -38.61 -1.10 -19.98
N PRO A 315 -38.57 -2.31 -19.38
CA PRO A 315 -37.41 -3.03 -18.88
C PRO A 315 -36.76 -3.91 -19.95
N GLY A 316 -35.95 -4.86 -19.50
CA GLY A 316 -35.10 -5.62 -20.38
C GLY A 316 -35.64 -6.95 -20.86
N ASN A 317 -36.90 -7.28 -20.55
CA ASN A 317 -37.43 -8.59 -20.86
C ASN A 317 -38.05 -8.67 -22.25
N GLY A 318 -37.83 -7.67 -23.09
CA GLY A 318 -38.37 -7.72 -24.42
C GLY A 318 -37.72 -8.79 -25.29
N ASP A 319 -38.46 -9.18 -26.32
CA ASP A 319 -37.94 -10.17 -27.25
C ASP A 319 -36.69 -9.68 -27.96
N PHE A 320 -36.60 -8.38 -28.20
CA PHE A 320 -35.46 -7.77 -28.88
C PHE A 320 -34.81 -6.74 -27.96
N SER A 321 -33.52 -6.92 -27.68
CA SER A 321 -32.79 -5.92 -26.91
C SER A 321 -32.52 -4.69 -27.76
N VAL A 322 -32.25 -3.56 -27.08
CA VAL A 322 -31.84 -2.33 -27.75
C VAL A 322 -30.58 -2.57 -28.59
N ASN A 323 -29.82 -3.61 -28.26
CA ASN A 323 -28.66 -3.99 -29.06
C ASN A 323 -29.07 -4.45 -30.46
N GLU A 324 -30.27 -5.02 -30.59
CA GLU A 324 -30.80 -5.50 -31.86
C GLU A 324 -31.78 -4.53 -32.51
N TYR A 325 -31.79 -3.26 -32.07
CA TYR A 325 -32.79 -2.30 -32.52
C TYR A 325 -32.88 -2.24 -34.04
N GLU A 326 -31.74 -2.08 -34.71
CA GLU A 326 -31.73 -1.79 -36.14
C GLU A 326 -32.03 -3.03 -36.99
N THR A 327 -31.69 -4.23 -36.51
CA THR A 327 -32.01 -5.44 -37.24
C THR A 327 -33.52 -5.64 -37.42
N LEU A 328 -34.36 -4.86 -36.78
CA LEU A 328 -35.80 -4.99 -37.02
C LEU A 328 -36.28 -4.12 -38.17
N PHE A 329 -35.44 -3.22 -38.68
CA PHE A 329 -35.85 -2.39 -39.80
C PHE A 329 -36.07 -3.25 -41.04
N GLY A 330 -37.14 -2.94 -41.76
CA GLY A 330 -37.51 -3.65 -42.97
C GLY A 330 -38.40 -4.86 -42.73
N LYS A 331 -38.32 -5.49 -41.56
CA LYS A 331 -39.19 -6.62 -41.26
C LYS A 331 -40.66 -6.21 -41.40
N VAL A 332 -41.51 -7.21 -41.65
CA VAL A 332 -42.90 -6.97 -41.98
C VAL A 332 -43.77 -7.32 -40.77
N ALA A 333 -44.73 -6.47 -40.48
CA ALA A 333 -45.67 -6.73 -39.38
C ALA A 333 -46.60 -7.91 -39.73
N ALA A 334 -46.52 -8.97 -38.93
CA ALA A 334 -47.40 -10.12 -39.08
C ALA A 334 -48.74 -9.91 -38.39
N CYS A 335 -48.77 -9.13 -37.31
CA CYS A 335 -50.00 -8.74 -36.63
C CYS A 335 -50.24 -7.26 -36.83
N ASN A 336 -51.31 -6.78 -36.20
CA ASN A 336 -51.37 -5.36 -35.84
C ASN A 336 -50.59 -5.21 -34.54
N ILE A 337 -49.65 -4.27 -34.53
CA ILE A 337 -48.81 -4.03 -33.36
C ILE A 337 -49.25 -2.73 -32.71
N ARG A 338 -49.55 -2.79 -31.41
CA ARG A 338 -50.06 -1.66 -30.67
C ARG A 338 -48.93 -0.77 -30.17
N LYS A 339 -49.14 0.55 -30.27
CA LYS A 339 -48.13 1.53 -29.89
C LYS A 339 -47.76 1.39 -28.42
N GLY A 340 -46.47 1.28 -28.15
CA GLY A 340 -45.99 1.12 -26.80
C GLY A 340 -45.79 -0.31 -26.37
N ALA A 341 -46.16 -1.28 -27.20
CA ALA A 341 -45.95 -2.69 -26.89
C ALA A 341 -44.55 -3.13 -27.31
N GLN A 342 -43.99 -4.07 -26.56
CA GLN A 342 -42.73 -4.65 -26.98
C GLN A 342 -42.93 -5.36 -28.30
N ILE A 343 -41.89 -5.37 -29.12
CA ILE A 343 -41.89 -6.14 -30.36
C ILE A 343 -41.62 -7.59 -29.98
N LYS A 344 -42.61 -8.44 -30.16
CA LYS A 344 -42.40 -9.87 -29.95
C LYS A 344 -42.06 -10.52 -31.29
N LYS A 345 -41.32 -11.65 -31.22
CA LYS A 345 -40.93 -12.38 -32.42
C LYS A 345 -42.14 -12.70 -33.30
N THR A 346 -43.27 -13.03 -32.68
CA THR A 346 -44.49 -13.27 -33.43
C THR A 346 -45.07 -12.01 -34.07
N ASP A 347 -44.49 -10.83 -33.82
CA ASP A 347 -44.98 -9.63 -34.50
C ASP A 347 -44.38 -9.46 -35.89
N ILE A 348 -43.41 -10.28 -36.28
CA ILE A 348 -42.77 -10.14 -37.59
C ILE A 348 -42.82 -11.47 -38.32
N GLU A 349 -42.94 -11.40 -39.65
CA GLU A 349 -42.85 -12.60 -40.50
C GLU A 349 -41.41 -13.08 -40.62
#